data_7E6H
#
_entry.id   7E6H
#
_cell.length_a   120.670
_cell.length_b   120.670
_cell.length_c   213.711
_cell.angle_alpha   90.00
_cell.angle_beta   90.00
_cell.angle_gamma   120.00
#
_symmetry.space_group_name_H-M   'P 65 2 2'
#
loop_
_entity.id
_entity.type
_entity.pdbx_description
1 polymer 'Glucose-6-phosphate 1-dehydrogenase'
2 non-polymer 2-AMINO-2-HYDROXYMETHYL-PROPANE-1,3-DIOL
3 non-polymer 2-(2-(2-(2-(2-(2-ETHOXYETHOXY)ETHOXY)ETHOXY)ETHOXY)ETHOXY)ETHANOL
4 water water
#
_entity_poly.entity_id   1
_entity_poly.type   'polypeptide(L)'
_entity_poly.pdbx_seq_one_letter_code
;MATQFDENTVITIFGASGDLSKKKTFPALFGLYREGYLNPTTKIIGYARSKLSNEDLREKVKPFLKKPNGAKDDAKVNEF
LSMVSYHAGPYDSDEGYLELKKIIEEFEAEKKVDEPHRLFYLALPPSIFIDVCSKLKENLYTESGIQRVIVEKPFGHDLQ
SATELQEKLAPLFSEDELFRIDHYLGKEMVKNLLLMRFGNTFLNAAWNKENIQSVQVVFKEPFGTEGRGGYFDSIGIIRD
VMQNHLLQVLTLLTMERPVSFDPESVRDEKVKVLKAFSPIDHDDILIGQYGRSVDGSKPSYLDDETVKEDSKCVTFAAIG
FKIANERWDGVPIVMRAGKALNEGKVEIRIQFRRVASGMFTDIPNNELVIRIQPNEAIYLKCNAKTPGLANENQTTELDL
TYSERYKNYWIPEAYESLIRDALLGDHSNFVRDDELDVSWKLFTPLLNYLEGPDGPQPKIYPYGCRSPDGLVEFLADHGY
TFSKPGSYQWPVTTPKM
;
_entity_poly.pdbx_strand_id   A
#
# COMPACT_ATOMS: atom_id res chain seq x y z
N MET A 1 5.77 25.07 -0.27
CA MET A 1 4.51 25.74 0.09
C MET A 1 3.85 25.19 1.38
N ALA A 2 3.96 23.88 1.63
CA ALA A 2 3.42 23.28 2.86
C ALA A 2 4.45 23.30 3.98
N THR A 3 4.01 23.65 5.19
CA THR A 3 4.93 23.86 6.29
C THR A 3 5.54 22.54 6.76
N GLN A 4 6.85 22.56 6.98
CA GLN A 4 7.58 21.39 7.41
C GLN A 4 7.70 21.34 8.92
N PHE A 5 7.46 20.17 9.49
CA PHE A 5 7.56 19.96 10.92
C PHE A 5 8.99 19.60 11.25
N ASP A 6 9.59 20.34 12.20
CA ASP A 6 10.94 20.06 12.63
C ASP A 6 11.04 20.12 14.15
N GLU A 7 11.26 21.32 14.69
CA GLU A 7 11.46 21.44 16.13
C GLU A 7 10.14 21.59 16.86
N ASN A 8 10.08 21.00 18.06
CA ASN A 8 8.96 21.14 18.97
C ASN A 8 7.65 20.66 18.36
N THR A 9 7.74 19.78 17.36
CA THR A 9 6.56 19.07 16.91
C THR A 9 6.25 17.97 17.93
N VAL A 10 4.97 17.81 18.25
CA VAL A 10 4.53 16.78 19.16
C VAL A 10 3.74 15.76 18.36
N ILE A 11 4.14 14.49 18.47
CA ILE A 11 3.52 13.38 17.77
C ILE A 11 2.77 12.55 18.80
N THR A 12 1.46 12.44 18.65
CA THR A 12 0.64 11.59 19.50
C THR A 12 0.14 10.40 18.72
N ILE A 13 0.48 9.20 19.20
CA ILE A 13 0.00 7.96 18.63
C ILE A 13 -1.18 7.49 19.47
N PHE A 14 -2.36 7.46 18.87
CA PHE A 14 -3.54 6.91 19.52
C PHE A 14 -3.58 5.42 19.26
N GLY A 15 -4.00 4.66 20.28
CA GLY A 15 -3.91 3.22 20.23
C GLY A 15 -2.49 2.73 20.43
N ALA A 16 -1.76 3.37 21.35
CA ALA A 16 -0.32 3.10 21.45
C ALA A 16 -0.04 1.69 21.98
N SER A 17 -0.84 1.19 22.93
CA SER A 17 -0.62 -0.17 23.39
C SER A 17 -0.96 -1.21 22.32
N GLY A 18 -1.67 -0.84 21.27
CA GLY A 18 -2.06 -1.80 20.26
C GLY A 18 -0.88 -2.39 19.48
N ASP A 19 -1.20 -3.40 18.68
CA ASP A 19 -0.16 -4.18 18.01
C ASP A 19 0.49 -3.39 16.88
N LEU A 20 -0.32 -2.80 16.02
CA LEU A 20 0.24 -1.96 14.95
C LEU A 20 1.14 -0.89 15.52
N SER A 21 0.76 -0.31 16.66
CA SER A 21 1.56 0.74 17.28
C SER A 21 2.95 0.24 17.67
N LYS A 22 3.03 -0.77 18.52
CA LYS A 22 4.32 -1.15 19.07
C LYS A 22 5.20 -1.86 18.06
N LYS A 23 4.63 -2.45 17.00
CA LYS A 23 5.40 -3.25 16.05
C LYS A 23 5.77 -2.48 14.79
N LYS A 24 5.07 -1.41 14.47
CA LYS A 24 5.32 -0.73 13.21
C LYS A 24 5.42 0.79 13.37
N THR A 25 4.58 1.38 14.21
CA THR A 25 4.57 2.85 14.31
C THR A 25 5.72 3.35 15.16
N PHE A 26 5.89 2.82 16.35
CA PHE A 26 7.03 3.28 17.12
C PHE A 26 8.34 2.81 16.49
N PRO A 27 8.45 1.54 16.04
CA PRO A 27 9.63 1.15 15.26
C PRO A 27 9.97 2.11 14.12
N ALA A 28 8.96 2.59 13.39
CA ALA A 28 9.23 3.50 12.28
C ALA A 28 9.71 4.84 12.77
N LEU A 29 9.08 5.37 13.83
CA LEU A 29 9.55 6.61 14.43
C LEU A 29 11.01 6.50 14.86
N PHE A 30 11.37 5.40 15.52
CA PHE A 30 12.76 5.21 15.91
C PHE A 30 13.66 5.04 14.71
N GLY A 31 13.15 4.40 13.64
CA GLY A 31 13.91 4.35 12.40
C GLY A 31 14.31 5.72 11.93
N LEU A 32 13.35 6.64 11.82
CA LEU A 32 13.66 8.00 11.40
C LEU A 32 14.69 8.63 12.33
N TYR A 33 14.47 8.52 13.65
CA TYR A 33 15.38 9.18 14.58
C TYR A 33 16.78 8.59 14.50
N ARG A 34 16.89 7.26 14.43
CA ARG A 34 18.17 6.58 14.43
C ARG A 34 19.02 7.02 13.24
N GLU A 35 18.39 7.37 12.14
CA GLU A 35 19.06 7.79 10.92
C GLU A 35 19.13 9.30 10.76
N GLY A 36 18.82 10.07 11.81
CA GLY A 36 19.00 11.50 11.77
C GLY A 36 17.89 12.27 11.07
N TYR A 37 16.69 11.71 10.99
CA TYR A 37 15.58 12.35 10.30
C TYR A 37 14.41 12.66 11.22
N LEU A 38 14.61 12.60 12.53
CA LEU A 38 13.61 13.01 13.51
C LEU A 38 14.29 13.93 14.51
N ASN A 39 13.68 15.08 14.78
CA ASN A 39 14.34 16.10 15.58
C ASN A 39 14.36 15.69 17.05
N PRO A 40 15.50 15.83 17.74
CA PRO A 40 15.55 15.49 19.17
C PRO A 40 14.51 16.21 20.02
N THR A 41 14.00 17.36 19.57
CA THR A 41 13.00 18.09 20.34
C THR A 41 11.58 17.62 20.08
N THR A 42 11.39 16.56 19.28
CA THR A 42 10.05 16.05 19.07
C THR A 42 9.52 15.44 20.36
N LYS A 43 8.29 15.79 20.73
CA LYS A 43 7.60 15.12 21.82
C LYS A 43 6.76 14.00 21.25
N ILE A 44 6.96 12.78 21.75
CA ILE A 44 6.20 11.61 21.31
C ILE A 44 5.38 11.13 22.49
N ILE A 45 4.06 11.13 22.32
CA ILE A 45 3.12 10.73 23.36
C ILE A 45 2.27 9.59 22.84
N GLY A 46 2.20 8.49 23.61
CA GLY A 46 1.32 7.38 23.30
C GLY A 46 0.06 7.47 24.13
N TYR A 47 -1.08 7.29 23.47
CA TYR A 47 -2.39 7.41 24.10
C TYR A 47 -3.19 6.13 23.87
N ALA A 48 -3.81 5.62 24.94
CA ALA A 48 -4.69 4.46 24.91
C ALA A 48 -5.47 4.39 26.22
N ARG A 49 -6.51 3.53 26.24
CA ARG A 49 -7.38 3.43 27.41
C ARG A 49 -6.63 2.82 28.60
N SER A 50 -5.80 1.82 28.34
CA SER A 50 -5.11 1.05 29.36
C SER A 50 -4.24 1.97 30.23
N LYS A 51 -3.86 1.44 31.39
CA LYS A 51 -3.36 2.25 32.51
C LYS A 51 -1.86 2.05 32.76
N LEU A 52 -1.03 2.15 31.72
CA LEU A 52 0.39 1.83 31.85
C LEU A 52 1.24 3.09 32.01
N SER A 53 2.47 2.88 32.49
CA SER A 53 3.41 3.96 32.75
C SER A 53 4.27 4.24 31.51
N ASN A 54 5.08 5.29 31.62
CA ASN A 54 6.09 5.55 30.59
C ASN A 54 7.00 4.35 30.43
N GLU A 55 7.34 3.69 31.53
CA GLU A 55 8.23 2.53 31.50
C GLU A 55 7.63 1.41 30.67
N ASP A 56 6.39 1.01 30.97
CA ASP A 56 5.76 -0.10 30.26
C ASP A 56 5.70 0.18 28.77
N LEU A 57 5.27 1.38 28.39
CA LEU A 57 5.17 1.75 26.98
C LEU A 57 6.54 1.66 26.32
N ARG A 58 7.54 2.29 26.94
CA ARG A 58 8.91 2.22 26.43
C ARG A 58 9.38 0.77 26.35
N GLU A 59 9.08 -0.02 27.38
CA GLU A 59 9.48 -1.42 27.34
C GLU A 59 8.62 -2.26 26.41
N LYS A 60 7.39 -1.82 26.11
CA LYS A 60 6.58 -2.58 25.16
C LYS A 60 7.15 -2.49 23.75
N VAL A 61 7.69 -1.32 23.37
CA VAL A 61 8.17 -1.12 22.02
C VAL A 61 9.66 -1.40 21.85
N LYS A 62 10.43 -1.43 22.94
CA LYS A 62 11.86 -1.65 22.82
C LYS A 62 12.22 -2.89 22.01
N PRO A 63 11.58 -4.06 22.19
CA PRO A 63 11.94 -5.21 21.35
C PRO A 63 11.81 -4.96 19.86
N PHE A 64 10.77 -4.25 19.43
CA PHE A 64 10.48 -4.14 18.01
C PHE A 64 11.29 -3.03 17.32
N LEU A 65 12.04 -2.25 18.09
CA LEU A 65 12.92 -1.25 17.53
C LEU A 65 14.00 -1.92 16.70
N LYS A 66 14.25 -1.41 15.49
CA LYS A 66 15.18 -2.03 14.57
C LYS A 66 16.59 -1.49 14.79
N LYS A 67 17.52 -2.37 15.14
CA LYS A 67 18.90 -2.04 15.43
C LYS A 67 19.82 -2.59 14.34
N PRO A 68 19.91 -1.95 13.17
CA PRO A 68 20.74 -2.50 12.09
C PRO A 68 22.22 -2.39 12.34
N ASN A 69 22.66 -1.59 13.32
CA ASN A 69 24.06 -1.52 13.68
C ASN A 69 24.38 -2.32 14.95
N GLY A 70 23.42 -3.09 15.45
CA GLY A 70 23.70 -3.98 16.58
C GLY A 70 23.90 -3.23 17.88
N ALA A 71 25.00 -3.54 18.57
CA ALA A 71 25.31 -2.87 19.83
C ALA A 71 25.62 -1.40 19.64
N LYS A 72 26.18 -1.03 18.49
CA LYS A 72 26.24 0.36 18.09
C LYS A 72 24.82 0.93 18.01
N ASP A 73 24.72 2.26 17.97
CA ASP A 73 23.45 3.00 18.01
C ASP A 73 22.54 2.51 19.15
N ASP A 74 23.13 1.92 20.18
CA ASP A 74 22.37 1.62 21.41
C ASP A 74 22.05 2.90 22.17
N ALA A 75 22.94 3.90 22.10
CA ALA A 75 22.63 5.20 22.69
C ALA A 75 21.50 5.90 21.95
N LYS A 76 21.41 5.71 20.62
CA LYS A 76 20.27 6.23 19.89
C LYS A 76 18.96 5.64 20.40
N VAL A 77 18.95 4.32 20.64
CA VAL A 77 17.79 3.66 21.25
C VAL A 77 17.44 4.38 22.54
N ASN A 78 18.28 4.22 23.56
CA ASN A 78 18.01 4.84 24.87
C ASN A 78 17.64 6.31 24.76
N GLU A 79 18.14 7.01 23.73
CA GLU A 79 17.81 8.42 23.59
C GLU A 79 16.42 8.62 23.01
N PHE A 80 16.03 7.75 22.06
CA PHE A 80 14.69 7.80 21.48
C PHE A 80 13.62 7.52 22.53
N LEU A 81 13.85 6.55 23.41
CA LEU A 81 12.84 6.22 24.42
C LEU A 81 12.58 7.40 25.35
N SER A 82 13.63 8.13 25.74
CA SER A 82 13.48 9.30 26.62
C SER A 82 12.55 10.35 26.01
N MET A 83 12.41 10.38 24.69
CA MET A 83 11.48 11.29 24.02
C MET A 83 10.03 10.80 24.07
N VAL A 84 9.79 9.61 24.60
CA VAL A 84 8.50 8.95 24.53
C VAL A 84 7.83 8.96 25.89
N SER A 85 6.55 9.28 25.89
CA SER A 85 5.74 9.30 27.11
C SER A 85 4.39 8.68 26.81
N TYR A 86 3.63 8.39 27.87
CA TYR A 86 2.33 7.75 27.75
C TYR A 86 1.29 8.49 28.57
N HIS A 87 0.06 8.54 28.05
CA HIS A 87 -1.08 9.09 28.75
C HIS A 87 -2.27 8.15 28.56
N ALA A 88 -3.00 7.93 29.64
CA ALA A 88 -4.16 7.04 29.63
C ALA A 88 -5.45 7.85 29.66
N GLY A 89 -6.41 7.42 28.84
CA GLY A 89 -7.70 8.05 28.82
C GLY A 89 -8.60 7.32 27.84
N PRO A 90 -9.90 7.46 28.04
CA PRO A 90 -10.85 6.89 27.05
C PRO A 90 -10.86 7.71 25.77
N TYR A 91 -11.22 7.05 24.66
CA TYR A 91 -11.40 7.72 23.38
C TYR A 91 -12.74 8.42 23.26
N ASP A 92 -13.70 8.07 24.12
CA ASP A 92 -15.10 8.41 23.93
C ASP A 92 -15.54 9.67 24.66
N SER A 93 -14.68 10.25 25.51
CA SER A 93 -15.08 11.38 26.32
C SER A 93 -13.98 12.43 26.34
N ASP A 94 -14.38 13.66 26.66
CA ASP A 94 -13.53 14.82 26.48
C ASP A 94 -12.36 14.86 27.47
N GLU A 95 -12.49 14.24 28.65
CA GLU A 95 -11.50 14.49 29.70
C GLU A 95 -10.11 14.03 29.28
N GLY A 96 -10.00 12.85 28.68
CA GLY A 96 -8.70 12.39 28.21
C GLY A 96 -8.02 13.42 27.33
N TYR A 97 -8.76 13.98 26.37
CA TYR A 97 -8.18 14.92 25.43
C TYR A 97 -7.88 16.26 26.08
N LEU A 98 -8.67 16.65 27.07
CA LEU A 98 -8.40 17.89 27.79
C LEU A 98 -7.15 17.77 28.64
N GLU A 99 -6.95 16.64 29.29
CA GLU A 99 -5.64 16.39 29.91
C GLU A 99 -4.55 16.52 28.86
N LEU A 100 -4.63 15.70 27.81
CA LEU A 100 -3.64 15.71 26.74
C LEU A 100 -3.35 17.12 26.24
N LYS A 101 -4.38 17.96 26.10
CA LYS A 101 -4.16 19.34 25.66
C LYS A 101 -3.27 20.10 26.64
N LYS A 102 -3.29 19.73 27.92
CA LYS A 102 -2.50 20.45 28.92
C LYS A 102 -1.02 20.09 28.83
N ILE A 103 -0.71 18.80 28.73
CA ILE A 103 0.68 18.39 28.51
C ILE A 103 1.25 19.08 27.28
N ILE A 104 0.51 19.05 26.17
CA ILE A 104 1.04 19.58 24.91
C ILE A 104 1.27 21.09 24.98
N GLU A 105 0.28 21.84 25.48
CA GLU A 105 0.47 23.29 25.62
C GLU A 105 1.58 23.62 26.60
N GLU A 106 1.76 22.78 27.62
CA GLU A 106 2.85 22.96 28.59
C GLU A 106 4.21 22.80 27.91
N PHE A 107 4.40 21.72 27.16
CA PHE A 107 5.63 21.53 26.40
C PHE A 107 5.83 22.66 25.39
N GLU A 108 4.74 23.12 24.75
CA GLU A 108 4.85 24.10 23.68
C GLU A 108 5.02 25.52 24.21
N ALA A 109 4.34 25.86 25.31
CA ALA A 109 4.58 27.16 25.95
C ALA A 109 5.99 27.25 26.52
N GLU A 110 6.54 26.10 26.93
CA GLU A 110 7.93 26.04 27.41
C GLU A 110 8.93 26.45 26.34
N LYS A 111 8.57 26.37 25.06
CA LYS A 111 9.43 26.81 23.97
C LYS A 111 8.80 27.98 23.23
N LYS A 112 9.61 28.71 22.49
CA LYS A 112 9.09 29.78 21.64
C LYS A 112 8.24 29.17 20.53
N VAL A 113 7.07 28.64 20.88
CA VAL A 113 6.16 28.08 19.88
C VAL A 113 4.91 28.94 19.88
N ASP A 114 4.77 29.77 18.85
CA ASP A 114 3.52 30.42 18.49
C ASP A 114 2.88 29.78 17.27
N GLU A 115 3.49 28.72 16.73
CA GLU A 115 2.87 27.88 15.70
C GLU A 115 3.05 26.42 16.12
N PRO A 116 2.16 25.91 16.97
CA PRO A 116 2.18 24.48 17.32
C PRO A 116 2.13 23.62 16.07
N HIS A 117 3.00 22.61 16.04
CA HIS A 117 3.05 21.60 14.97
C HIS A 117 2.67 20.26 15.59
N ARG A 118 1.52 19.72 15.21
CA ARG A 118 1.00 18.52 15.86
C ARG A 118 0.70 17.44 14.83
N LEU A 119 1.23 16.25 15.05
CA LEU A 119 0.90 15.06 14.26
C LEU A 119 0.17 14.08 15.15
N PHE A 120 -1.02 13.67 14.73
CA PHE A 120 -1.81 12.66 15.42
C PHE A 120 -1.84 11.41 14.55
N TYR A 121 -1.27 10.32 15.04
CA TYR A 121 -1.24 9.05 14.33
C TYR A 121 -2.30 8.14 14.94
N LEU A 122 -3.33 7.79 14.16
CA LEU A 122 -4.46 7.04 14.71
C LEU A 122 -4.28 5.55 14.43
N ALA A 123 -3.57 4.88 15.34
CA ALA A 123 -3.26 3.45 15.18
C ALA A 123 -4.44 2.63 15.72
N LEU A 124 -5.55 2.72 15.01
CA LEU A 124 -6.84 2.33 15.54
C LEU A 124 -7.67 1.75 14.42
N PRO A 125 -8.66 0.92 14.73
CA PRO A 125 -9.67 0.54 13.73
C PRO A 125 -10.51 1.74 13.35
N PRO A 126 -11.11 1.74 12.16
CA PRO A 126 -11.90 2.91 11.75
C PRO A 126 -13.10 3.18 12.63
N SER A 127 -13.67 2.16 13.29
CA SER A 127 -14.82 2.40 14.16
C SER A 127 -14.48 3.38 15.27
N ILE A 128 -13.21 3.69 15.47
CA ILE A 128 -12.80 4.65 16.50
C ILE A 128 -12.19 5.92 15.91
N PHE A 129 -11.79 5.91 14.62
CA PHE A 129 -11.33 7.14 13.97
C PHE A 129 -12.27 8.29 14.25
N ILE A 130 -13.56 8.05 14.06
CA ILE A 130 -14.52 9.13 14.11
C ILE A 130 -14.68 9.63 15.54
N ASP A 131 -14.70 8.72 16.51
CA ASP A 131 -14.75 9.16 17.90
C ASP A 131 -13.55 10.03 18.21
N VAL A 132 -12.36 9.56 17.84
CA VAL A 132 -11.14 10.27 18.18
C VAL A 132 -11.04 11.57 17.40
N CYS A 133 -11.38 11.54 16.11
CA CYS A 133 -11.35 12.76 15.31
C CYS A 133 -12.37 13.78 15.81
N SER A 134 -13.54 13.32 16.26
CA SER A 134 -14.50 14.25 16.85
C SER A 134 -13.92 14.91 18.09
N LYS A 135 -13.35 14.10 18.99
CA LYS A 135 -12.77 14.68 20.20
C LYS A 135 -11.56 15.55 19.88
N LEU A 136 -10.80 15.22 18.84
CA LEU A 136 -9.67 16.07 18.47
C LEU A 136 -10.14 17.44 17.99
N LYS A 137 -11.17 17.48 17.15
CA LYS A 137 -11.73 18.75 16.70
C LYS A 137 -12.42 19.49 17.85
N GLU A 138 -13.01 18.76 18.81
CA GLU A 138 -13.74 19.41 19.89
C GLU A 138 -12.79 20.05 20.90
N ASN A 139 -11.67 19.38 21.20
CA ASN A 139 -10.85 19.71 22.36
C ASN A 139 -9.40 20.04 22.05
N LEU A 140 -8.89 19.68 20.88
CA LEU A 140 -7.45 19.72 20.62
C LEU A 140 -7.16 20.25 19.22
N TYR A 141 -7.81 21.35 18.85
CA TYR A 141 -7.62 21.92 17.52
C TYR A 141 -7.29 23.39 17.69
N THR A 142 -6.07 23.78 17.34
CA THR A 142 -5.65 25.16 17.48
C THR A 142 -5.71 25.84 16.12
N GLU A 143 -6.45 26.95 16.04
CA GLU A 143 -6.46 27.68 14.78
C GLU A 143 -5.09 28.32 14.51
N SER A 144 -4.37 28.69 15.57
CA SER A 144 -3.06 29.31 15.43
C SER A 144 -1.96 28.32 15.06
N GLY A 145 -2.29 27.06 14.81
CA GLY A 145 -1.27 26.11 14.50
C GLY A 145 -1.58 25.23 13.30
N ILE A 146 -0.75 24.22 13.08
CA ILE A 146 -0.99 23.21 12.06
C ILE A 146 -1.05 21.85 12.75
N GLN A 147 -2.13 21.11 12.48
CA GLN A 147 -2.28 19.74 12.92
C GLN A 147 -2.54 18.84 11.72
N ARG A 148 -2.04 17.61 11.79
CA ARG A 148 -2.19 16.63 10.73
C ARG A 148 -2.54 15.30 11.38
N VAL A 149 -3.52 14.57 10.82
CA VAL A 149 -3.88 13.26 11.35
C VAL A 149 -3.68 12.20 10.28
N ILE A 150 -3.03 11.11 10.67
CA ILE A 150 -2.81 9.96 9.82
C ILE A 150 -3.81 8.89 10.20
N VAL A 151 -4.51 8.36 9.19
CA VAL A 151 -5.48 7.25 9.40
C VAL A 151 -5.01 6.15 8.43
N GLU A 152 -5.55 4.93 8.51
CA GLU A 152 -5.01 3.82 7.66
C GLU A 152 -6.03 3.24 6.67
N LYS A 153 -5.56 2.53 5.63
CA LYS A 153 -6.40 1.95 4.54
C LYS A 153 -7.69 1.25 5.00
N PRO A 154 -7.76 0.38 6.05
CA PRO A 154 -9.01 -0.23 6.52
C PRO A 154 -10.30 0.50 6.10
N PHE A 155 -10.51 1.74 6.57
CA PHE A 155 -11.70 2.56 6.19
C PHE A 155 -12.97 1.72 6.03
N GLY A 156 -13.42 1.51 4.78
CA GLY A 156 -14.70 0.79 4.57
C GLY A 156 -14.54 -0.53 3.82
N HIS A 157 -15.67 -1.20 3.54
CA HIS A 157 -15.68 -2.47 2.83
C HIS A 157 -16.44 -2.40 1.51
N ASP A 158 -17.02 -1.26 1.18
CA ASP A 158 -17.72 -1.04 -0.08
C ASP A 158 -17.98 0.45 -0.20
N LEU A 159 -18.66 0.83 -1.28
CA LEU A 159 -18.90 2.25 -1.54
C LEU A 159 -19.69 2.88 -0.38
N GLN A 160 -20.75 2.22 0.05
CA GLN A 160 -21.65 2.79 1.04
C GLN A 160 -20.92 3.09 2.36
N SER A 161 -20.23 2.09 2.90
CA SER A 161 -19.55 2.30 4.17
C SER A 161 -18.41 3.32 4.07
N ALA A 162 -17.66 3.32 2.95
CA ALA A 162 -16.59 4.30 2.80
C ALA A 162 -17.15 5.71 2.68
N THR A 163 -18.26 5.86 1.94
CA THR A 163 -18.94 7.15 1.88
C THR A 163 -19.38 7.61 3.26
N GLU A 164 -20.05 6.75 4.02
CA GLU A 164 -20.54 7.14 5.34
C GLU A 164 -19.41 7.60 6.23
N LEU A 165 -18.23 6.98 6.12
CA LEU A 165 -17.12 7.40 6.97
C LEU A 165 -16.64 8.79 6.58
N GLN A 166 -16.39 9.02 5.29
CA GLN A 166 -15.93 10.33 4.85
C GLN A 166 -16.98 11.42 5.08
N GLU A 167 -18.26 11.09 5.02
CA GLU A 167 -19.28 12.09 5.32
C GLU A 167 -19.15 12.58 6.75
N LYS A 168 -18.80 11.67 7.68
CA LYS A 168 -18.53 12.06 9.05
C LYS A 168 -17.16 12.71 9.23
N LEU A 169 -16.21 12.37 8.37
CA LEU A 169 -14.83 12.79 8.55
C LEU A 169 -14.57 14.18 7.98
N ALA A 170 -15.20 14.49 6.84
CA ALA A 170 -14.96 15.75 6.16
C ALA A 170 -15.23 16.99 7.02
N PRO A 171 -16.31 17.10 7.80
CA PRO A 171 -16.51 18.31 8.61
C PRO A 171 -15.48 18.47 9.71
N LEU A 172 -14.73 17.42 10.01
CA LEU A 172 -13.74 17.45 11.08
C LEU A 172 -12.38 17.89 10.57
N PHE A 173 -11.94 17.32 9.46
CA PHE A 173 -10.59 17.55 8.99
C PHE A 173 -10.56 17.67 7.48
N SER A 174 -9.94 18.74 6.98
CA SER A 174 -9.85 18.96 5.56
C SER A 174 -8.92 17.91 4.92
N GLU A 175 -8.95 17.85 3.58
CA GLU A 175 -8.01 16.99 2.85
C GLU A 175 -6.56 17.41 3.09
N ASP A 176 -6.33 18.70 3.33
CA ASP A 176 -4.98 19.17 3.65
C ASP A 176 -4.49 18.63 4.98
N GLU A 177 -5.42 18.33 5.89
CA GLU A 177 -5.07 17.83 7.22
C GLU A 177 -5.05 16.30 7.31
N LEU A 178 -5.71 15.59 6.39
CA LEU A 178 -5.74 14.14 6.44
C LEU A 178 -4.60 13.55 5.63
N PHE A 179 -4.00 12.51 6.16
CA PHE A 179 -3.00 11.73 5.43
C PHE A 179 -3.46 10.28 5.49
N ARG A 180 -4.17 9.81 4.45
CA ARG A 180 -4.70 8.41 4.42
C ARG A 180 -3.57 7.44 4.04
N ILE A 181 -3.37 6.38 4.82
CA ILE A 181 -2.17 5.50 4.57
C ILE A 181 -2.46 4.23 3.77
N ASP A 182 -1.88 4.12 2.58
CA ASP A 182 -1.91 2.85 1.80
C ASP A 182 -0.42 2.46 1.83
N HIS A 183 -0.01 1.58 2.74
CA HIS A 183 1.43 1.27 2.93
C HIS A 183 2.19 0.99 1.64
N TYR A 184 1.52 0.55 0.56
CA TYR A 184 2.34 0.30 -0.64
C TYR A 184 2.96 1.58 -1.18
N LEU A 185 2.25 2.71 -1.06
CA LEU A 185 2.78 3.99 -1.51
C LEU A 185 4.01 4.44 -0.74
N GLY A 186 4.42 3.72 0.30
CA GLY A 186 5.68 4.03 0.95
C GLY A 186 6.84 3.09 0.61
N LYS A 187 6.57 2.08 -0.23
CA LYS A 187 7.61 1.14 -0.64
C LYS A 187 8.53 1.75 -1.69
N GLU A 188 9.83 1.51 -1.51
CA GLU A 188 10.86 2.06 -2.39
C GLU A 188 10.54 1.86 -3.87
N MET A 189 10.32 0.62 -4.30
CA MET A 189 10.12 0.39 -5.72
C MET A 189 8.84 1.02 -6.21
N VAL A 190 7.80 1.13 -5.37
CA VAL A 190 6.60 1.82 -5.80
C VAL A 190 6.88 3.32 -5.98
N LYS A 191 7.64 3.91 -5.06
CA LYS A 191 7.99 5.33 -5.18
C LYS A 191 8.79 5.62 -6.43
N ASN A 192 9.59 4.65 -6.89
CA ASN A 192 10.44 4.81 -8.08
C ASN A 192 9.66 4.85 -9.39
N LEU A 193 8.39 4.43 -9.41
CA LEU A 193 7.73 4.12 -10.67
C LEU A 193 7.57 5.35 -11.57
N LEU A 194 7.12 6.47 -11.01
CA LEU A 194 6.81 7.63 -11.82
C LEU A 194 8.04 8.15 -12.55
N LEU A 195 9.16 8.24 -11.85
CA LEU A 195 10.38 8.72 -12.47
C LEU A 195 10.93 7.69 -13.45
N MET A 196 10.80 6.41 -13.12
CA MET A 196 11.28 5.38 -14.04
C MET A 196 10.60 5.46 -15.41
N ARG A 197 9.27 5.65 -15.44
CA ARG A 197 8.62 5.73 -16.75
C ARG A 197 8.70 7.14 -17.34
N PHE A 198 8.35 8.17 -16.57
CA PHE A 198 8.33 9.50 -17.18
C PHE A 198 9.73 10.07 -17.38
N GLY A 199 10.69 9.63 -16.58
CA GLY A 199 12.03 10.16 -16.72
C GLY A 199 12.92 9.48 -17.72
N ASN A 200 12.45 8.45 -18.43
CA ASN A 200 13.30 7.72 -19.37
C ASN A 200 12.57 7.49 -20.68
N THR A 201 13.03 8.18 -21.74
CA THR A 201 12.43 8.02 -23.06
C THR A 201 12.37 6.55 -23.49
N PHE A 202 13.33 5.74 -23.05
CA PHE A 202 13.36 4.31 -23.40
C PHE A 202 12.08 3.59 -22.96
N LEU A 203 11.46 4.05 -21.88
CA LEU A 203 10.18 3.48 -21.48
C LEU A 203 9.01 4.33 -21.96
N ASN A 204 9.09 5.63 -21.76
CA ASN A 204 7.93 6.49 -21.95
C ASN A 204 7.46 6.51 -23.40
N ALA A 205 8.36 6.37 -24.37
CA ALA A 205 7.89 6.36 -25.74
C ALA A 205 7.16 5.06 -26.08
N ALA A 206 7.44 3.97 -25.37
CA ALA A 206 6.80 2.70 -25.63
C ALA A 206 5.58 2.49 -24.74
N TRP A 207 5.22 3.48 -23.94
CA TRP A 207 4.32 3.29 -22.82
C TRP A 207 2.89 3.68 -23.23
N ASN A 208 2.35 2.90 -24.14
CA ASN A 208 1.10 3.28 -24.78
C ASN A 208 0.57 2.08 -25.54
N LYS A 209 -0.70 2.17 -25.94
CA LYS A 209 -1.36 1.10 -26.68
C LYS A 209 -0.63 0.76 -27.97
N GLU A 210 0.16 1.70 -28.54
CA GLU A 210 0.90 1.39 -29.76
C GLU A 210 2.03 0.39 -29.52
N ASN A 211 2.52 0.22 -28.29
CA ASN A 211 3.66 -0.65 -28.04
C ASN A 211 3.46 -1.64 -26.91
N ILE A 212 2.46 -1.49 -26.07
CA ILE A 212 2.20 -2.41 -24.97
C ILE A 212 1.06 -3.34 -25.35
N GLN A 213 1.25 -4.63 -25.10
CA GLN A 213 0.30 -5.70 -25.35
C GLN A 213 -0.44 -6.14 -24.11
N SER A 214 0.19 -5.97 -22.95
CA SER A 214 -0.33 -6.62 -21.75
C SER A 214 0.31 -5.99 -20.52
N VAL A 215 -0.53 -5.62 -19.55
CA VAL A 215 -0.10 -5.05 -18.27
C VAL A 215 -0.61 -5.95 -17.15
N GLN A 216 0.29 -6.44 -16.32
CA GLN A 216 -0.06 -7.27 -15.17
C GLN A 216 0.49 -6.70 -13.87
N VAL A 217 -0.33 -6.71 -12.83
CA VAL A 217 0.10 -6.50 -11.45
C VAL A 217 -0.19 -7.78 -10.67
N VAL A 218 0.83 -8.32 -10.01
CA VAL A 218 0.81 -9.70 -9.55
C VAL A 218 1.17 -9.72 -8.07
N PHE A 219 0.37 -10.45 -7.28
CA PHE A 219 0.58 -10.60 -5.85
C PHE A 219 0.44 -12.08 -5.51
N LYS A 220 1.49 -12.66 -4.93
CA LYS A 220 1.48 -14.06 -4.51
C LYS A 220 1.98 -14.15 -3.08
N GLU A 221 1.29 -14.96 -2.28
CA GLU A 221 1.77 -15.37 -0.96
C GLU A 221 1.73 -16.88 -0.89
N PRO A 222 2.67 -17.51 -0.18
CA PRO A 222 2.70 -18.97 -0.09
C PRO A 222 1.92 -19.58 1.07
N PHE A 223 1.11 -18.80 1.79
CA PHE A 223 0.41 -19.31 2.96
C PHE A 223 -1.06 -18.92 2.84
N GLY A 224 -1.90 -19.66 3.53
CA GLY A 224 -3.33 -19.41 3.56
C GLY A 224 -3.73 -18.44 4.66
N THR A 225 -4.91 -18.67 5.21
CA THR A 225 -5.44 -17.88 6.32
C THR A 225 -5.66 -18.74 7.55
N GLU A 226 -4.91 -19.84 7.68
CA GLU A 226 -5.15 -20.81 8.76
C GLU A 226 -5.17 -20.09 10.11
N GLY A 227 -6.22 -20.36 10.88
CA GLY A 227 -6.43 -19.72 12.15
C GLY A 227 -7.23 -18.44 12.10
N ARG A 228 -7.24 -17.75 10.95
CA ARG A 228 -7.98 -16.50 10.83
C ARG A 228 -9.01 -16.57 9.70
N GLY A 229 -9.48 -17.77 9.38
CA GLY A 229 -10.37 -17.93 8.25
C GLY A 229 -11.66 -17.14 8.36
N GLY A 230 -12.29 -17.15 9.54
CA GLY A 230 -13.55 -16.44 9.71
C GLY A 230 -13.39 -14.93 9.64
N TYR A 231 -12.22 -14.43 10.03
CA TYR A 231 -11.95 -13.00 9.85
C TYR A 231 -11.81 -12.69 8.37
N PHE A 232 -11.11 -13.55 7.63
CA PHE A 232 -10.88 -13.31 6.21
C PHE A 232 -12.15 -13.53 5.40
N ASP A 233 -13.11 -14.29 5.94
CA ASP A 233 -14.30 -14.68 5.19
C ASP A 233 -15.06 -13.48 4.64
N SER A 234 -15.27 -12.46 5.46
CA SER A 234 -15.96 -11.27 5.01
C SER A 234 -15.04 -10.30 4.27
N ILE A 235 -13.75 -10.61 4.14
CA ILE A 235 -12.84 -9.72 3.42
C ILE A 235 -12.64 -10.24 2.01
N GLY A 236 -11.95 -11.37 1.88
CA GLY A 236 -11.59 -11.87 0.57
C GLY A 236 -10.40 -11.15 -0.04
N ILE A 237 -9.77 -11.83 -0.99
CA ILE A 237 -8.51 -11.35 -1.52
C ILE A 237 -8.69 -10.06 -2.30
N ILE A 238 -9.87 -9.82 -2.87
CA ILE A 238 -10.06 -8.60 -3.65
C ILE A 238 -10.05 -7.38 -2.74
N ARG A 239 -10.86 -7.41 -1.67
CA ARG A 239 -10.79 -6.33 -0.69
C ARG A 239 -9.43 -6.26 -0.03
N ASP A 240 -8.79 -7.42 0.21
CA ASP A 240 -7.59 -7.45 1.04
C ASP A 240 -6.42 -6.72 0.38
N VAL A 241 -6.17 -6.94 -0.92
CA VAL A 241 -4.96 -6.41 -1.52
C VAL A 241 -5.18 -5.81 -2.92
N MET A 242 -6.35 -6.02 -3.51
CA MET A 242 -6.52 -5.64 -4.91
C MET A 242 -7.21 -4.30 -5.08
N GLN A 243 -8.31 -4.06 -4.35
CA GLN A 243 -9.01 -2.78 -4.40
C GLN A 243 -8.13 -1.64 -3.89
N ASN A 244 -7.14 -1.95 -3.06
CA ASN A 244 -6.32 -0.93 -2.44
C ASN A 244 -4.89 -0.99 -3.00
N HIS A 245 -4.06 -1.90 -2.50
CA HIS A 245 -2.64 -1.88 -2.84
C HIS A 245 -2.40 -2.05 -4.34
N LEU A 246 -2.90 -3.15 -4.91
CA LEU A 246 -2.62 -3.38 -6.32
C LEU A 246 -3.20 -2.27 -7.20
N LEU A 247 -4.38 -1.75 -6.85
CA LEU A 247 -4.95 -0.69 -7.67
C LEU A 247 -4.10 0.58 -7.61
N GLN A 248 -3.52 0.87 -6.45
CA GLN A 248 -2.61 1.99 -6.34
C GLN A 248 -1.46 1.85 -7.33
N VAL A 249 -0.79 0.69 -7.33
CA VAL A 249 0.29 0.43 -8.26
C VAL A 249 -0.19 0.60 -9.70
N LEU A 250 -1.33 -0.01 -10.04
CA LEU A 250 -1.86 0.12 -11.40
C LEU A 250 -2.02 1.58 -11.77
N THR A 251 -2.52 2.37 -10.83
CA THR A 251 -2.74 3.78 -11.06
C THR A 251 -1.43 4.51 -11.38
N LEU A 252 -0.37 4.20 -10.63
CA LEU A 252 0.92 4.81 -10.92
C LEU A 252 1.45 4.37 -12.27
N LEU A 253 1.09 3.16 -12.73
CA LEU A 253 1.56 2.64 -14.01
C LEU A 253 0.82 3.24 -15.21
N THR A 254 -0.38 3.76 -15.01
CA THR A 254 -1.23 4.11 -16.14
C THR A 254 -1.62 5.58 -16.20
N MET A 255 -1.43 6.34 -15.11
CA MET A 255 -1.77 7.76 -15.12
C MET A 255 -0.89 8.52 -16.10
N GLU A 256 -1.44 9.66 -16.55
CA GLU A 256 -0.69 10.63 -17.34
C GLU A 256 0.31 11.41 -16.47
N ARG A 257 1.20 12.11 -17.15
CA ARG A 257 2.26 12.85 -16.48
C ARG A 257 1.71 14.05 -15.73
N PRO A 258 1.95 14.17 -14.43
CA PRO A 258 1.45 15.33 -13.70
C PRO A 258 2.08 16.62 -14.20
N VAL A 259 1.25 17.64 -14.40
CA VAL A 259 1.71 18.81 -15.15
C VAL A 259 2.34 19.87 -14.27
N SER A 260 2.18 19.77 -12.96
CA SER A 260 2.89 20.64 -12.03
C SER A 260 3.61 19.81 -10.99
N PHE A 261 4.33 20.48 -10.10
CA PHE A 261 5.07 19.85 -9.02
C PHE A 261 4.29 19.82 -7.72
N ASP A 262 3.08 20.36 -7.69
CA ASP A 262 2.26 20.24 -6.50
C ASP A 262 1.93 18.78 -6.25
N PRO A 263 2.03 18.30 -5.02
CA PRO A 263 1.57 16.93 -4.76
C PRO A 263 0.16 16.66 -5.22
N GLU A 264 -0.70 17.68 -5.27
CA GLU A 264 -2.05 17.42 -5.71
C GLU A 264 -2.13 17.20 -7.21
N SER A 265 -1.09 17.57 -7.96
CA SER A 265 -1.09 17.27 -9.38
C SER A 265 -0.84 15.78 -9.62
N VAL A 266 -0.09 15.13 -8.73
CA VAL A 266 0.02 13.66 -8.79
C VAL A 266 -1.34 13.03 -8.51
N ARG A 267 -2.00 13.48 -7.44
CA ARG A 267 -3.26 12.90 -7.07
C ARG A 267 -4.33 13.18 -8.12
N ASP A 268 -4.31 14.36 -8.75
CA ASP A 268 -5.22 14.61 -9.86
C ASP A 268 -5.08 13.57 -10.96
N GLU A 269 -3.84 13.21 -11.33
CA GLU A 269 -3.69 12.27 -12.44
C GLU A 269 -4.10 10.85 -12.05
N LYS A 270 -3.93 10.47 -10.78
CA LYS A 270 -4.45 9.18 -10.32
C LYS A 270 -5.97 9.16 -10.38
N VAL A 271 -6.61 10.25 -9.92
CA VAL A 271 -8.07 10.31 -9.96
C VAL A 271 -8.54 10.28 -11.41
N LYS A 272 -7.84 11.00 -12.28
CA LYS A 272 -8.23 11.06 -13.68
C LYS A 272 -8.19 9.69 -14.35
N VAL A 273 -7.10 8.93 -14.15
CA VAL A 273 -7.01 7.64 -14.81
C VAL A 273 -8.05 6.69 -14.23
N LEU A 274 -8.26 6.73 -12.91
CA LEU A 274 -9.29 5.91 -12.29
C LEU A 274 -10.65 6.12 -12.95
N LYS A 275 -11.03 7.39 -13.15
CA LYS A 275 -12.32 7.67 -13.79
C LYS A 275 -12.36 7.13 -15.21
N ALA A 276 -11.21 6.89 -15.83
CA ALA A 276 -11.22 6.36 -17.18
C ALA A 276 -11.44 4.84 -17.22
N PHE A 277 -11.30 4.15 -16.08
CA PHE A 277 -11.56 2.71 -16.07
C PHE A 277 -12.98 2.42 -16.53
N SER A 278 -13.11 1.46 -17.45
CA SER A 278 -14.41 0.92 -17.77
C SER A 278 -14.90 0.11 -16.57
N PRO A 279 -16.21 -0.10 -16.45
CA PRO A 279 -16.70 -0.98 -15.38
C PRO A 279 -16.08 -2.36 -15.46
N ILE A 280 -15.78 -2.95 -14.31
CA ILE A 280 -15.27 -4.31 -14.31
C ILE A 280 -16.28 -5.23 -14.98
N ASP A 281 -15.80 -6.10 -15.86
CA ASP A 281 -16.62 -7.13 -16.48
C ASP A 281 -16.69 -8.35 -15.54
N HIS A 282 -17.86 -8.56 -14.94
CA HIS A 282 -18.00 -9.63 -13.95
C HIS A 282 -17.75 -11.01 -14.53
N ASP A 283 -17.89 -11.20 -15.85
CA ASP A 283 -17.53 -12.49 -16.43
C ASP A 283 -16.05 -12.61 -16.71
N ASP A 284 -15.33 -11.50 -16.79
CA ASP A 284 -13.92 -11.56 -17.16
C ASP A 284 -13.05 -11.76 -15.93
N ILE A 285 -13.36 -12.76 -15.12
CA ILE A 285 -12.61 -13.01 -13.91
C ILE A 285 -12.26 -14.49 -13.80
N LEU A 286 -11.27 -14.76 -12.96
CA LEU A 286 -10.91 -16.10 -12.53
C LEU A 286 -10.88 -16.08 -11.02
N ILE A 287 -11.62 -16.97 -10.39
CA ILE A 287 -11.87 -16.86 -8.96
C ILE A 287 -11.54 -18.19 -8.32
N GLY A 288 -10.72 -18.16 -7.27
CA GLY A 288 -10.26 -19.38 -6.64
C GLY A 288 -10.35 -19.35 -5.13
N GLN A 289 -10.45 -20.55 -4.54
CA GLN A 289 -10.38 -20.77 -3.10
C GLN A 289 -9.44 -21.94 -2.86
N TYR A 290 -8.50 -21.79 -1.92
CA TYR A 290 -7.46 -22.81 -1.80
C TYR A 290 -7.98 -24.02 -1.04
N GLY A 291 -7.87 -25.19 -1.68
CA GLY A 291 -8.26 -26.44 -1.07
C GLY A 291 -7.06 -27.19 -0.52
N ARG A 292 -7.34 -28.42 -0.07
CA ARG A 292 -6.28 -29.32 0.38
C ARG A 292 -5.11 -29.32 -0.60
N SER A 293 -3.91 -29.43 -0.05
CA SER A 293 -2.72 -29.58 -0.87
C SER A 293 -2.63 -31.00 -1.45
N VAL A 294 -1.96 -31.11 -2.60
CA VAL A 294 -1.69 -32.41 -3.20
C VAL A 294 -0.88 -33.27 -2.23
N ASP A 295 -0.09 -32.62 -1.37
CA ASP A 295 0.75 -33.28 -0.39
C ASP A 295 -0.07 -34.02 0.65
N GLY A 296 -1.23 -33.48 1.02
CA GLY A 296 -1.87 -33.84 2.26
C GLY A 296 -1.40 -33.06 3.45
N SER A 297 -0.22 -32.42 3.38
CA SER A 297 0.35 -31.68 4.50
C SER A 297 -0.28 -30.31 4.73
N LYS A 298 -1.12 -29.82 3.82
CA LYS A 298 -1.69 -28.50 4.03
C LYS A 298 -3.21 -28.55 3.95
N PRO A 299 -3.89 -27.87 4.87
CA PRO A 299 -5.36 -27.92 4.89
C PRO A 299 -5.98 -27.10 3.78
N SER A 300 -7.26 -27.36 3.56
CA SER A 300 -8.09 -26.50 2.73
C SER A 300 -8.49 -25.25 3.51
N TYR A 301 -8.92 -24.23 2.77
CA TYR A 301 -9.52 -23.05 3.41
C TYR A 301 -10.67 -23.47 4.31
N LEU A 302 -11.50 -24.43 3.86
CA LEU A 302 -12.67 -24.85 4.63
C LEU A 302 -12.28 -25.71 5.83
N ASP A 303 -11.12 -26.38 5.77
CA ASP A 303 -10.64 -27.15 6.90
C ASP A 303 -10.51 -26.29 8.15
N ASP A 304 -10.45 -24.97 7.96
CA ASP A 304 -10.36 -24.05 9.08
C ASP A 304 -11.65 -24.10 9.92
N GLU A 305 -11.48 -24.16 11.24
CA GLU A 305 -12.64 -24.37 12.11
C GLU A 305 -13.53 -23.13 12.20
N THR A 306 -13.03 -21.94 11.87
CA THR A 306 -13.90 -20.77 11.92
C THR A 306 -14.43 -20.36 10.54
N VAL A 307 -14.45 -21.29 9.59
CA VAL A 307 -15.03 -21.05 8.27
C VAL A 307 -16.24 -21.96 8.13
N LYS A 308 -17.37 -21.41 7.70
CA LYS A 308 -18.56 -22.22 7.50
C LYS A 308 -18.36 -23.21 6.36
N GLU A 309 -19.13 -24.30 6.42
CA GLU A 309 -18.99 -25.40 5.47
C GLU A 309 -19.18 -24.95 4.02
N ASP A 310 -19.88 -23.84 3.80
CA ASP A 310 -20.34 -23.47 2.47
C ASP A 310 -19.72 -22.18 1.97
N SER A 311 -18.67 -21.70 2.63
CA SER A 311 -18.09 -20.40 2.30
C SER A 311 -17.62 -20.34 0.86
N LYS A 312 -18.07 -19.31 0.15
CA LYS A 312 -17.59 -19.04 -1.19
C LYS A 312 -16.49 -17.98 -1.19
N CYS A 313 -15.81 -17.84 -0.06
CA CYS A 313 -14.83 -16.76 0.06
C CYS A 313 -13.72 -16.97 -0.96
N VAL A 314 -13.33 -15.89 -1.60
CA VAL A 314 -12.33 -15.94 -2.66
C VAL A 314 -10.96 -15.68 -2.05
N THR A 315 -10.06 -16.63 -2.21
CA THR A 315 -8.67 -16.45 -1.80
C THR A 315 -7.72 -16.23 -2.99
N PHE A 316 -8.20 -16.42 -4.20
CA PHE A 316 -7.42 -16.07 -5.39
C PHE A 316 -8.34 -15.40 -6.39
N ALA A 317 -7.83 -14.36 -7.06
CA ALA A 317 -8.63 -13.69 -8.07
C ALA A 317 -7.76 -13.06 -9.14
N ALA A 318 -8.06 -13.36 -10.40
CA ALA A 318 -7.54 -12.61 -11.53
C ALA A 318 -8.69 -11.84 -12.16
N ILE A 319 -8.53 -10.53 -12.32
CA ILE A 319 -9.57 -9.67 -12.86
C ILE A 319 -9.02 -8.92 -14.05
N GLY A 320 -9.79 -8.90 -15.14
CA GLY A 320 -9.44 -8.08 -16.28
C GLY A 320 -9.93 -6.67 -16.14
N PHE A 321 -9.19 -5.74 -16.75
CA PHE A 321 -9.53 -4.33 -16.67
C PHE A 321 -9.33 -3.66 -18.02
N LYS A 322 -10.06 -2.57 -18.21
CA LYS A 322 -9.99 -1.81 -19.45
C LYS A 322 -10.01 -0.35 -19.06
N ILE A 323 -9.04 0.40 -19.57
CA ILE A 323 -9.00 1.85 -19.42
C ILE A 323 -9.32 2.45 -20.77
N ALA A 324 -10.35 3.30 -20.82
CA ALA A 324 -10.80 3.88 -22.08
C ALA A 324 -10.33 5.33 -22.19
N ASN A 325 -9.06 5.48 -22.58
CA ASN A 325 -8.52 6.77 -22.95
C ASN A 325 -7.52 6.55 -24.08
N GLU A 326 -6.88 7.63 -24.54
CA GLU A 326 -6.04 7.53 -25.73
C GLU A 326 -4.84 6.65 -25.50
N ARG A 327 -4.32 6.61 -24.27
CA ARG A 327 -3.09 5.86 -24.05
C ARG A 327 -3.36 4.36 -23.98
N TRP A 328 -4.50 3.95 -23.41
CA TRP A 328 -4.67 2.55 -23.04
C TRP A 328 -5.82 1.85 -23.76
N ASP A 329 -6.54 2.58 -24.60
CA ASP A 329 -7.67 2.00 -25.29
C ASP A 329 -7.31 0.68 -25.92
N GLY A 330 -8.02 -0.38 -25.51
CA GLY A 330 -7.82 -1.71 -26.05
C GLY A 330 -6.70 -2.52 -25.43
N VAL A 331 -5.90 -1.97 -24.52
CA VAL A 331 -4.86 -2.77 -23.87
C VAL A 331 -5.46 -3.57 -22.72
N PRO A 332 -5.37 -4.91 -22.74
CA PRO A 332 -5.90 -5.71 -21.63
C PRO A 332 -5.00 -5.61 -20.40
N ILE A 333 -5.62 -5.35 -19.26
CA ILE A 333 -4.94 -5.22 -17.98
C ILE A 333 -5.46 -6.30 -17.04
N VAL A 334 -4.54 -7.04 -16.43
CA VAL A 334 -4.89 -8.08 -15.48
C VAL A 334 -4.26 -7.73 -14.13
N MET A 335 -5.06 -7.83 -13.08
CA MET A 335 -4.59 -7.82 -11.71
C MET A 335 -4.90 -9.21 -11.15
N ARG A 336 -3.92 -9.86 -10.55
CA ARG A 336 -4.13 -11.17 -9.97
C ARG A 336 -3.45 -11.27 -8.61
N ALA A 337 -4.16 -11.88 -7.65
CA ALA A 337 -3.65 -12.00 -6.29
C ALA A 337 -4.17 -13.28 -5.64
N GLY A 338 -3.33 -13.93 -4.85
CA GLY A 338 -3.77 -15.12 -4.16
C GLY A 338 -2.91 -15.51 -2.98
N LYS A 339 -3.55 -16.04 -1.95
CA LYS A 339 -2.84 -16.68 -0.86
C LYS A 339 -2.64 -18.16 -1.18
N ALA A 340 -1.74 -18.79 -0.41
CA ALA A 340 -1.51 -20.23 -0.51
C ALA A 340 -1.08 -20.63 -1.91
N LEU A 341 -0.33 -19.78 -2.58
CA LEU A 341 0.29 -20.12 -3.84
C LEU A 341 1.67 -20.71 -3.54
N ASN A 342 2.56 -20.72 -4.52
CA ASN A 342 3.82 -21.43 -4.39
C ASN A 342 4.98 -20.53 -3.94
N GLU A 343 4.83 -19.22 -4.00
CA GLU A 343 5.93 -18.33 -3.65
C GLU A 343 5.34 -17.07 -3.04
N GLY A 344 6.21 -16.17 -2.58
CA GLY A 344 5.76 -14.87 -2.11
C GLY A 344 6.40 -13.75 -2.90
N LYS A 345 5.59 -12.86 -3.48
CA LYS A 345 6.07 -12.02 -4.58
C LYS A 345 5.06 -10.91 -4.85
N VAL A 346 5.56 -9.70 -5.14
CA VAL A 346 4.73 -8.62 -5.65
C VAL A 346 5.45 -8.02 -6.85
N GLU A 347 4.77 -7.95 -7.99
CA GLU A 347 5.49 -7.86 -9.25
C GLU A 347 4.62 -7.21 -10.31
N ILE A 348 5.23 -6.36 -11.14
CA ILE A 348 4.63 -5.76 -12.31
C ILE A 348 5.25 -6.42 -13.54
N ARG A 349 4.41 -6.87 -14.48
CA ARG A 349 4.91 -7.51 -15.70
C ARG A 349 4.28 -6.82 -16.90
N ILE A 350 5.10 -6.22 -17.75
CA ILE A 350 4.61 -5.51 -18.93
C ILE A 350 5.23 -6.14 -20.16
N GLN A 351 4.37 -6.58 -21.08
CA GLN A 351 4.81 -7.18 -22.33
C GLN A 351 4.58 -6.22 -23.49
N PHE A 352 5.61 -6.02 -24.30
CA PHE A 352 5.57 -5.10 -25.43
C PHE A 352 5.23 -5.84 -26.73
N ARG A 353 4.73 -5.06 -27.68
CA ARG A 353 4.25 -5.58 -28.95
C ARG A 353 5.41 -5.93 -29.87
N ARG A 354 5.13 -6.82 -30.81
CA ARG A 354 6.02 -7.09 -31.92
C ARG A 354 5.44 -6.51 -33.20
N VAL A 355 6.32 -6.04 -34.09
CA VAL A 355 5.93 -5.83 -35.48
C VAL A 355 5.64 -7.19 -36.13
N ALA A 356 4.73 -7.22 -37.09
CA ALA A 356 4.16 -8.46 -37.58
C ALA A 356 4.89 -9.04 -38.79
N SER A 357 5.27 -8.21 -39.76
CA SER A 357 6.10 -8.61 -40.87
C SER A 357 7.39 -7.77 -40.84
N GLY A 358 8.46 -8.37 -41.34
CA GLY A 358 9.77 -7.75 -41.41
C GLY A 358 10.86 -8.70 -40.93
N MET A 359 12.12 -8.27 -41.05
CA MET A 359 13.27 -9.15 -40.69
C MET A 359 13.15 -9.71 -39.26
N PHE A 360 13.21 -8.84 -38.24
CA PHE A 360 13.21 -9.33 -36.83
C PHE A 360 11.79 -9.32 -36.26
N THR A 361 10.91 -10.16 -36.82
CA THR A 361 9.51 -10.23 -36.34
C THR A 361 9.26 -11.61 -35.75
N ASP A 362 10.09 -12.60 -36.12
CA ASP A 362 10.00 -13.95 -35.49
C ASP A 362 10.69 -13.82 -34.13
N ILE A 363 11.34 -12.69 -33.89
CA ILE A 363 12.04 -12.40 -32.61
C ILE A 363 10.99 -12.32 -31.49
N PRO A 364 11.30 -12.71 -30.23
CA PRO A 364 10.35 -12.60 -29.11
C PRO A 364 10.01 -11.18 -28.63
N ASN A 365 8.87 -11.02 -27.95
CA ASN A 365 8.46 -9.73 -27.42
C ASN A 365 9.41 -9.24 -26.35
N ASN A 366 9.66 -7.93 -26.33
CA ASN A 366 10.31 -7.36 -25.17
C ASN A 366 9.37 -7.39 -23.99
N GLU A 367 9.95 -7.29 -22.80
CA GLU A 367 9.21 -7.51 -21.58
C GLU A 367 9.92 -6.79 -20.44
N LEU A 368 9.13 -6.18 -19.57
CA LEU A 368 9.64 -5.42 -18.43
C LEU A 368 9.04 -6.03 -17.16
N VAL A 369 9.91 -6.41 -16.23
CA VAL A 369 9.47 -6.93 -14.95
C VAL A 369 10.05 -6.03 -13.87
N ILE A 370 9.16 -5.46 -13.05
CA ILE A 370 9.53 -4.70 -11.85
C ILE A 370 9.14 -5.54 -10.64
N ARG A 371 10.11 -6.11 -9.94
CA ARG A 371 9.80 -6.77 -8.68
C ARG A 371 9.73 -5.73 -7.56
N ILE A 372 8.61 -5.71 -6.84
CA ILE A 372 8.43 -4.70 -5.74
C ILE A 372 8.92 -5.27 -4.41
N GLN A 373 8.20 -6.25 -3.83
CA GLN A 373 8.57 -6.74 -2.47
C GLN A 373 9.89 -7.54 -2.47
N PRO A 374 10.02 -8.75 -3.08
CA PRO A 374 11.26 -9.51 -2.97
C PRO A 374 12.38 -8.86 -3.79
N ASN A 375 13.65 -9.11 -3.43
CA ASN A 375 14.84 -8.55 -4.14
C ASN A 375 14.44 -7.43 -5.11
N GLU A 376 14.15 -6.22 -4.58
CA GLU A 376 13.74 -5.07 -5.42
C GLU A 376 14.58 -5.03 -6.69
N ALA A 377 13.99 -5.33 -7.86
CA ALA A 377 14.78 -5.39 -9.07
C ALA A 377 13.95 -4.90 -10.26
N ILE A 378 14.66 -4.59 -11.34
CA ILE A 378 14.07 -4.35 -12.65
C ILE A 378 14.75 -5.30 -13.64
N TYR A 379 13.95 -6.01 -14.44
CA TYR A 379 14.48 -6.90 -15.47
C TYR A 379 13.88 -6.53 -16.82
N LEU A 380 14.73 -6.50 -17.84
CA LEU A 380 14.33 -6.19 -19.21
C LEU A 380 14.68 -7.36 -20.12
N LYS A 381 13.66 -7.94 -20.74
CA LYS A 381 13.89 -8.95 -21.76
C LYS A 381 14.22 -8.24 -23.07
N CYS A 382 15.39 -8.55 -23.62
CA CYS A 382 15.92 -7.87 -24.78
C CYS A 382 16.34 -8.87 -25.84
N ASN A 383 16.59 -8.34 -27.03
CA ASN A 383 17.04 -9.13 -28.17
C ASN A 383 18.36 -8.56 -28.66
N ALA A 384 19.23 -9.41 -29.16
CA ALA A 384 20.53 -8.94 -29.65
C ALA A 384 21.15 -10.00 -30.52
N LYS A 385 22.00 -9.56 -31.45
CA LYS A 385 22.71 -10.51 -32.29
C LYS A 385 23.62 -11.38 -31.44
N THR A 386 23.60 -12.67 -31.73
CA THR A 386 24.59 -13.62 -31.22
C THR A 386 25.99 -13.12 -31.60
N PRO A 387 26.87 -12.87 -30.61
CA PRO A 387 28.23 -12.43 -30.93
C PRO A 387 28.91 -13.39 -31.86
N GLY A 388 29.68 -12.85 -32.80
CA GLY A 388 30.50 -13.68 -33.64
C GLY A 388 29.96 -13.85 -35.04
N LEU A 389 30.29 -14.97 -35.67
CA LEU A 389 29.92 -15.15 -37.07
C LEU A 389 28.41 -15.26 -37.25
N ALA A 390 27.75 -15.94 -36.32
CA ALA A 390 26.32 -16.19 -36.45
C ALA A 390 25.55 -14.88 -36.52
N ASN A 391 24.44 -14.89 -37.26
CA ASN A 391 23.49 -13.79 -37.29
C ASN A 391 22.19 -14.10 -36.55
N GLU A 392 22.10 -15.26 -35.90
CA GLU A 392 20.91 -15.59 -35.13
C GLU A 392 20.71 -14.62 -33.96
N ASN A 393 19.47 -14.44 -33.55
CA ASN A 393 19.18 -13.66 -32.37
C ASN A 393 19.27 -14.50 -31.10
N GLN A 394 19.59 -13.84 -29.99
CA GLN A 394 19.48 -14.43 -28.67
C GLN A 394 18.86 -13.42 -27.72
N THR A 395 18.03 -13.91 -26.82
CA THR A 395 17.37 -13.06 -25.86
C THR A 395 18.26 -12.83 -24.65
N THR A 396 18.22 -11.62 -24.12
CA THR A 396 19.08 -11.24 -23.01
C THR A 396 18.21 -10.62 -21.94
N GLU A 397 18.26 -11.20 -20.74
CA GLU A 397 17.73 -10.54 -19.55
C GLU A 397 18.76 -9.55 -19.05
N LEU A 398 18.42 -8.26 -19.06
CA LEU A 398 19.22 -7.25 -18.38
C LEU A 398 18.72 -7.17 -16.95
N ASP A 399 19.58 -7.50 -15.99
CA ASP A 399 19.26 -7.45 -14.57
C ASP A 399 19.72 -6.11 -14.03
N LEU A 400 18.78 -5.22 -13.78
CA LEU A 400 19.07 -4.01 -13.02
C LEU A 400 18.82 -4.23 -11.53
N THR A 401 19.48 -5.23 -10.93
CA THR A 401 19.22 -5.52 -9.52
C THR A 401 19.58 -4.31 -8.68
N TYR A 402 18.56 -3.68 -8.10
CA TYR A 402 18.78 -2.51 -7.26
C TYR A 402 19.33 -2.86 -5.89
N SER A 403 19.41 -4.16 -5.57
CA SER A 403 19.79 -4.57 -4.22
C SER A 403 21.23 -4.17 -3.88
N GLU A 404 22.09 -4.03 -4.89
CA GLU A 404 23.46 -3.62 -4.62
C GLU A 404 23.55 -2.13 -4.34
N ARG A 405 22.80 -1.31 -5.09
CA ARG A 405 22.76 0.12 -4.82
C ARG A 405 22.09 0.42 -3.48
N TYR A 406 21.13 -0.40 -3.07
CA TYR A 406 20.34 -0.17 -1.87
C TYR A 406 21.10 -0.49 -0.57
N LYS A 407 22.34 -1.00 -0.66
CA LYS A 407 23.17 -1.15 0.53
C LYS A 407 24.10 0.04 0.76
N ASN A 408 24.29 0.87 -0.27
CA ASN A 408 25.03 2.12 -0.13
C ASN A 408 24.19 3.24 0.48
N TYR A 409 22.87 3.10 0.47
CA TYR A 409 21.95 4.09 1.02
C TYR A 409 21.15 3.49 2.16
N TRP A 410 20.46 4.35 2.89
CA TRP A 410 19.49 3.95 3.91
C TRP A 410 18.13 3.86 3.25
N ILE A 411 17.67 2.62 2.99
CA ILE A 411 16.36 2.39 2.38
C ILE A 411 15.30 2.23 3.46
N PRO A 412 14.49 3.24 3.72
CA PRO A 412 13.55 3.15 4.83
C PRO A 412 12.40 2.21 4.54
N GLU A 413 11.83 1.69 5.62
CA GLU A 413 10.57 0.96 5.57
C GLU A 413 9.41 1.88 5.19
N ALA A 414 8.34 1.27 4.69
CA ALA A 414 7.22 2.03 4.15
C ALA A 414 6.66 3.04 5.16
N TYR A 415 6.43 2.61 6.41
CA TYR A 415 5.89 3.54 7.39
C TYR A 415 6.89 4.64 7.75
N GLU A 416 8.18 4.33 7.72
CA GLU A 416 9.16 5.38 7.97
C GLU A 416 9.12 6.44 6.88
N SER A 417 9.06 6.03 5.61
CA SER A 417 9.00 7.01 4.56
C SER A 417 7.66 7.76 4.58
N LEU A 418 6.58 7.08 4.98
CA LEU A 418 5.27 7.74 5.02
C LEU A 418 5.18 8.72 6.19
N ILE A 419 5.66 8.35 7.36
CA ILE A 419 5.65 9.29 8.47
C ILE A 419 6.50 10.51 8.13
N ARG A 420 7.66 10.29 7.49
CA ARG A 420 8.48 11.41 7.08
C ARG A 420 7.70 12.35 6.16
N ASP A 421 7.08 11.79 5.12
CA ASP A 421 6.29 12.62 4.20
C ASP A 421 5.21 13.41 4.95
N ALA A 422 4.60 12.81 5.98
CA ALA A 422 3.59 13.54 6.74
C ALA A 422 4.22 14.73 7.47
N LEU A 423 5.33 14.50 8.18
CA LEU A 423 6.03 15.59 8.84
C LEU A 423 6.32 16.73 7.86
N LEU A 424 6.61 16.39 6.60
CA LEU A 424 6.90 17.39 5.58
C LEU A 424 5.65 17.95 4.91
N GLY A 425 4.47 17.41 5.20
CA GLY A 425 3.26 17.94 4.60
C GLY A 425 3.03 17.55 3.16
N ASP A 426 3.71 16.50 2.67
CA ASP A 426 3.63 16.08 1.28
C ASP A 426 2.59 14.97 1.13
N HIS A 427 1.45 15.28 0.49
CA HIS A 427 0.37 14.32 0.29
C HIS A 427 0.57 13.38 -0.90
N SER A 428 1.74 13.39 -1.54
CA SER A 428 1.90 12.66 -2.80
C SER A 428 1.65 11.17 -2.62
N ASN A 429 2.09 10.60 -1.50
CA ASN A 429 1.96 9.17 -1.25
C ASN A 429 0.80 8.85 -0.31
N PHE A 430 -0.31 9.59 -0.42
CA PHE A 430 -1.47 9.40 0.44
C PHE A 430 -2.74 9.52 -0.39
N VAL A 431 -3.79 8.83 0.06
CA VAL A 431 -5.01 8.64 -0.72
C VAL A 431 -5.96 9.82 -0.50
N ARG A 432 -6.37 10.48 -1.58
CA ARG A 432 -7.32 11.58 -1.48
C ARG A 432 -8.75 11.05 -1.45
N ASP A 433 -9.67 11.89 -0.96
CA ASP A 433 -11.05 11.46 -0.78
C ASP A 433 -11.69 11.03 -2.11
N ASP A 434 -11.48 11.80 -3.18
CA ASP A 434 -12.08 11.44 -4.47
C ASP A 434 -11.45 10.18 -5.05
N GLU A 435 -10.13 10.01 -4.87
CA GLU A 435 -9.47 8.77 -5.23
C GLU A 435 -10.13 7.57 -4.58
N LEU A 436 -10.37 7.67 -3.27
CA LEU A 436 -11.07 6.64 -2.53
C LEU A 436 -12.48 6.42 -3.07
N ASP A 437 -13.23 7.50 -3.25
CA ASP A 437 -14.58 7.36 -3.77
C ASP A 437 -14.58 6.57 -5.07
N VAL A 438 -13.73 6.96 -6.01
CA VAL A 438 -13.78 6.36 -7.34
C VAL A 438 -13.34 4.91 -7.29
N SER A 439 -12.31 4.62 -6.49
CA SER A 439 -11.82 3.25 -6.48
C SER A 439 -12.84 2.31 -5.85
N TRP A 440 -13.69 2.80 -4.92
CA TRP A 440 -14.78 1.97 -4.43
C TRP A 440 -15.93 1.87 -5.43
N LYS A 441 -16.19 2.94 -6.19
CA LYS A 441 -17.18 2.86 -7.26
C LYS A 441 -16.80 1.80 -8.28
N LEU A 442 -15.50 1.62 -8.53
CA LEU A 442 -15.09 0.62 -9.50
C LEU A 442 -15.31 -0.80 -8.98
N PHE A 443 -15.01 -1.04 -7.70
CA PHE A 443 -14.94 -2.40 -7.20
C PHE A 443 -16.19 -2.87 -6.51
N THR A 444 -17.07 -1.96 -6.07
CA THR A 444 -18.24 -2.43 -5.34
C THR A 444 -19.16 -3.29 -6.20
N PRO A 445 -19.45 -2.97 -7.47
CA PRO A 445 -20.36 -3.87 -8.22
C PRO A 445 -19.81 -5.28 -8.35
N LEU A 446 -18.49 -5.43 -8.52
CA LEU A 446 -17.91 -6.76 -8.56
C LEU A 446 -18.06 -7.48 -7.22
N LEU A 447 -17.81 -6.78 -6.12
CA LEU A 447 -17.96 -7.42 -4.82
C LEU A 447 -19.41 -7.78 -4.53
N ASN A 448 -20.34 -6.89 -4.89
CA ASN A 448 -21.77 -7.20 -4.75
C ASN A 448 -22.15 -8.44 -5.55
N TYR A 449 -21.61 -8.56 -6.75
CA TYR A 449 -21.88 -9.73 -7.59
C TYR A 449 -21.31 -10.99 -6.95
N LEU A 450 -20.05 -10.95 -6.52
CA LEU A 450 -19.44 -12.14 -5.94
C LEU A 450 -20.13 -12.57 -4.65
N GLU A 451 -20.48 -11.62 -3.79
CA GLU A 451 -20.96 -11.93 -2.46
C GLU A 451 -22.47 -11.99 -2.36
N GLY A 452 -23.18 -11.77 -3.47
CA GLY A 452 -24.60 -11.99 -3.50
C GLY A 452 -24.90 -13.47 -3.38
N PRO A 453 -26.17 -13.81 -3.13
CA PRO A 453 -26.53 -15.24 -3.08
C PRO A 453 -26.42 -15.94 -4.42
N ASP A 454 -26.53 -15.23 -5.55
CA ASP A 454 -26.33 -15.81 -6.87
C ASP A 454 -24.93 -15.53 -7.42
N GLY A 455 -23.96 -15.31 -6.54
CA GLY A 455 -22.58 -15.18 -6.94
C GLY A 455 -21.92 -16.54 -7.10
N PRO A 456 -20.92 -16.61 -7.95
CA PRO A 456 -20.37 -17.91 -8.36
C PRO A 456 -19.56 -18.57 -7.25
N GLN A 457 -19.33 -19.86 -7.45
CA GLN A 457 -18.53 -20.68 -6.55
C GLN A 457 -17.09 -20.62 -7.00
N PRO A 458 -16.14 -20.25 -6.14
CA PRO A 458 -14.73 -20.28 -6.55
C PRO A 458 -14.28 -21.71 -6.85
N LYS A 459 -13.44 -21.84 -7.87
CA LYS A 459 -12.86 -23.15 -8.13
C LYS A 459 -11.76 -23.41 -7.10
N ILE A 460 -11.61 -24.66 -6.71
CA ILE A 460 -10.69 -25.04 -5.66
C ILE A 460 -9.32 -25.30 -6.26
N TYR A 461 -8.29 -24.75 -5.65
CA TYR A 461 -6.93 -25.05 -6.10
C TYR A 461 -6.12 -25.53 -4.90
N PRO A 462 -5.18 -26.44 -5.13
CA PRO A 462 -4.40 -26.98 -4.01
C PRO A 462 -3.44 -25.95 -3.43
N TYR A 463 -3.34 -25.96 -2.10
CA TYR A 463 -2.37 -25.16 -1.38
C TYR A 463 -0.98 -25.37 -1.96
N GLY A 464 -0.32 -24.26 -2.28
CA GLY A 464 1.03 -24.31 -2.79
C GLY A 464 1.14 -24.44 -4.29
N CYS A 465 0.02 -24.55 -4.99
CA CYS A 465 0.06 -24.64 -6.44
C CYS A 465 0.60 -23.35 -7.07
N ARG A 466 1.18 -23.48 -8.26
CA ARG A 466 1.77 -22.32 -8.92
C ARG A 466 0.72 -21.30 -9.29
N SER A 467 -0.39 -21.75 -9.82
CA SER A 467 -1.47 -20.90 -10.29
C SER A 467 -2.67 -21.79 -10.55
N PRO A 468 -3.86 -21.42 -10.09
CA PRO A 468 -5.02 -22.30 -10.22
C PRO A 468 -5.33 -22.60 -11.70
N ASP A 469 -6.20 -23.58 -11.90
CA ASP A 469 -6.62 -23.96 -13.24
C ASP A 469 -7.22 -22.76 -13.97
N GLY A 470 -6.84 -22.61 -15.24
CA GLY A 470 -7.35 -21.58 -16.09
C GLY A 470 -6.57 -20.28 -16.11
N LEU A 471 -5.56 -20.14 -15.24
CA LEU A 471 -4.85 -18.86 -15.17
C LEU A 471 -4.02 -18.60 -16.42
N VAL A 472 -3.31 -19.63 -16.89
CA VAL A 472 -2.46 -19.46 -18.05
C VAL A 472 -3.30 -19.12 -19.27
N GLU A 473 -4.47 -19.76 -19.42
CA GLU A 473 -5.39 -19.38 -20.50
C GLU A 473 -5.87 -17.95 -20.35
N PHE A 474 -6.24 -17.59 -19.12
CA PHE A 474 -6.75 -16.25 -18.85
C PHE A 474 -5.73 -15.19 -19.25
N LEU A 475 -4.43 -15.44 -19.00
CA LEU A 475 -3.43 -14.47 -19.41
C LEU A 475 -3.30 -14.43 -20.93
N ALA A 476 -3.23 -15.60 -21.58
CA ALA A 476 -3.19 -15.66 -23.03
C ALA A 476 -4.39 -14.92 -23.63
N ASP A 477 -5.54 -15.02 -22.99
CA ASP A 477 -6.73 -14.31 -23.37
C ASP A 477 -6.67 -12.82 -23.04
N HIS A 478 -5.63 -12.34 -22.36
CA HIS A 478 -5.50 -10.91 -22.08
C HIS A 478 -4.19 -10.36 -22.63
N GLY A 479 -3.83 -10.79 -23.84
CA GLY A 479 -2.74 -10.18 -24.56
C GLY A 479 -1.35 -10.73 -24.29
N TYR A 480 -1.20 -11.65 -23.34
CA TYR A 480 0.13 -12.18 -23.06
C TYR A 480 0.50 -13.30 -24.03
N THR A 481 1.72 -13.23 -24.54
CA THR A 481 2.29 -14.20 -25.46
C THR A 481 3.32 -15.00 -24.69
N PHE A 482 3.08 -16.30 -24.54
CA PHE A 482 4.06 -17.10 -23.86
C PHE A 482 5.19 -17.45 -24.84
N SER A 483 6.35 -17.78 -24.29
CA SER A 483 7.52 -18.07 -25.11
C SER A 483 8.36 -19.12 -24.40
N LYS A 484 9.49 -19.48 -25.00
CA LYS A 484 10.39 -20.46 -24.41
C LYS A 484 11.27 -19.86 -23.30
#